data_5ZHM
#
_entry.id   5ZHM
#
_cell.length_a   84.500
_cell.length_b   84.500
_cell.length_c   147.271
_cell.angle_alpha   90.00
_cell.angle_beta   90.00
_cell.angle_gamma   120.00
#
_symmetry.space_group_name_H-M   'P 32 2 1'
#
loop_
_entity.id
_entity.type
_entity.pdbx_description
1 polymer 'tRNA (guanine-N(1)-)-methyltransferase'
2 non-polymer N-({4-[(diethylamino)methyl]phenyl}methyl)-4-oxo-3,4-dihydrothieno[2,3-d]pyrimidine-5-carboxamide
3 non-polymer S-ADENOSYLMETHIONINE
4 water water
#
_entity_poly.entity_id   1
_entity_poly.type   'polypeptide(L)'
_entity_poly.pdbx_seq_one_letter_code
;MHHHHHHSSGVDLGTENLYFQSMLWVGVVSIFPEMFRAISDYGITSRAVKQGLLTLTCWNPRVYTEDRHQTVDDRPFGGG
PGMVMKIKPLEGALADARQAAGGRKAKVIYLSPQGRQLTQAGVRELAEEEALILIAGRYEGIDERFIEEHVDEEWSIGDY
VLSGGELPAMVLVDAVTRLLPGALGHADSAEEDSFTDGLLDCPHYTRPEVYADKRVPEVLLSGNHEHIRRWRLQQALGRT
WERRADLLDSRSLSGEEQKLLAEYIRQRD
;
_entity_poly.pdbx_strand_id   A,B
#
loop_
_chem_comp.id
_chem_comp.type
_chem_comp.name
_chem_comp.formula
9D3 non-polymer N-({4-[(diethylamino)methyl]phenyl}methyl)-4-oxo-3,4-dihydrothieno[2,3-d]pyrimidine-5-carboxamide 'C19 H22 N4 O2 S'
SAM non-polymer S-ADENOSYLMETHIONINE 'C15 H22 N6 O5 S'
#
# COMPACT_ATOMS: atom_id res chain seq x y z
N SER A 22 -20.75 1.83 16.89
CA SER A 22 -19.77 1.07 16.12
C SER A 22 -18.54 0.63 16.90
N MET A 23 -17.93 -0.50 16.46
CA MET A 23 -16.71 -1.08 17.02
C MET A 23 -15.51 -0.13 16.88
N LEU A 24 -15.16 0.31 15.66
CA LEU A 24 -14.05 1.22 15.39
C LEU A 24 -14.49 2.48 14.66
N TRP A 25 -13.94 3.65 15.05
CA TRP A 25 -14.20 4.98 14.50
C TRP A 25 -12.99 5.50 13.74
N VAL A 26 -13.16 5.84 12.47
CA VAL A 26 -12.07 6.37 11.65
C VAL A 26 -12.47 7.75 11.10
N GLY A 27 -11.55 8.69 11.19
CA GLY A 27 -11.67 10.04 10.69
C GLY A 27 -10.47 10.33 9.82
N VAL A 28 -10.71 10.72 8.56
CA VAL A 28 -9.62 10.96 7.62
C VAL A 28 -9.45 12.44 7.27
N VAL A 29 -8.25 12.97 7.49
CA VAL A 29 -7.91 14.35 7.19
C VAL A 29 -7.20 14.33 5.86
N SER A 30 -7.91 14.74 4.79
CA SER A 30 -7.43 14.72 3.41
C SER A 30 -8.09 15.83 2.57
N ILE A 31 -7.34 16.40 1.60
CA ILE A 31 -7.90 17.41 0.71
C ILE A 31 -8.80 16.77 -0.38
N PHE A 32 -8.83 15.41 -0.49
CA PHE A 32 -9.66 14.65 -1.42
C PHE A 32 -10.60 13.71 -0.65
N PRO A 33 -11.53 14.27 0.19
CA PRO A 33 -12.44 13.40 0.99
C PRO A 33 -13.31 12.43 0.20
N GLU A 34 -13.63 12.78 -1.06
CA GLU A 34 -14.52 11.97 -1.88
C GLU A 34 -13.82 10.76 -2.49
N MET A 35 -12.45 10.68 -2.40
CA MET A 35 -11.61 9.58 -2.87
C MET A 35 -11.87 8.32 -2.09
N PHE A 36 -12.29 8.51 -0.82
CA PHE A 36 -12.61 7.50 0.20
C PHE A 36 -13.90 6.76 -0.05
N ARG A 37 -14.59 7.09 -1.18
CA ARG A 37 -15.78 6.37 -1.64
C ARG A 37 -15.39 4.93 -2.05
N ALA A 38 -14.14 4.75 -2.52
CA ALA A 38 -13.52 3.47 -2.88
C ALA A 38 -13.53 2.45 -1.72
N ILE A 39 -13.54 2.91 -0.44
CA ILE A 39 -13.59 2.00 0.70
C ILE A 39 -14.95 2.06 1.39
N SER A 40 -15.68 3.19 1.30
CA SER A 40 -16.99 3.30 1.97
C SER A 40 -18.11 2.61 1.22
N ASP A 41 -18.01 2.53 -0.14
CA ASP A 41 -19.00 1.92 -1.03
C ASP A 41 -18.68 0.50 -1.49
N TYR A 42 -17.41 0.07 -1.39
CA TYR A 42 -17.01 -1.25 -1.84
C TYR A 42 -16.30 -2.06 -0.79
N GLY A 43 -16.39 -3.38 -0.96
CA GLY A 43 -15.73 -4.44 -0.18
C GLY A 43 -16.12 -4.64 1.26
N ILE A 44 -15.16 -5.21 2.04
CA ILE A 44 -15.31 -5.51 3.49
C ILE A 44 -15.56 -4.25 4.30
N THR A 45 -14.86 -3.14 3.98
CA THR A 45 -14.99 -1.88 4.70
C THR A 45 -16.39 -1.34 4.55
N SER A 46 -16.96 -1.42 3.34
CA SER A 46 -18.33 -0.99 3.07
C SER A 46 -19.31 -1.84 3.90
N ARG A 47 -19.14 -3.17 3.86
CA ARG A 47 -19.94 -4.13 4.62
C ARG A 47 -19.90 -3.75 6.11
N ALA A 48 -18.70 -3.42 6.65
CA ALA A 48 -18.45 -3.07 8.04
C ALA A 48 -19.17 -1.78 8.44
N VAL A 49 -19.20 -0.79 7.55
CA VAL A 49 -19.88 0.49 7.74
C VAL A 49 -21.42 0.24 7.86
N LYS A 50 -21.98 -0.59 6.94
CA LYS A 50 -23.38 -0.99 6.89
C LYS A 50 -23.74 -1.74 8.16
N GLN A 51 -23.02 -2.85 8.44
CA GLN A 51 -23.17 -3.69 9.64
C GLN A 51 -23.00 -2.91 10.95
N GLY A 52 -22.38 -1.72 10.85
CA GLY A 52 -22.14 -0.86 12.00
C GLY A 52 -20.98 -1.24 12.88
N LEU A 53 -19.90 -1.77 12.29
CA LEU A 53 -18.65 -2.15 12.95
C LEU A 53 -17.64 -1.02 12.74
N LEU A 54 -17.80 -0.30 11.61
CA LEU A 54 -16.93 0.80 11.19
C LEU A 54 -17.72 2.10 11.08
N THR A 55 -17.10 3.22 11.47
CA THR A 55 -17.62 4.57 11.32
C THR A 55 -16.54 5.34 10.61
N LEU A 56 -16.81 5.71 9.34
CA LEU A 56 -15.87 6.38 8.44
C LEU A 56 -16.29 7.82 8.17
N THR A 57 -15.47 8.79 8.60
CA THR A 57 -15.75 10.22 8.44
C THR A 57 -14.57 10.92 7.76
N CYS A 58 -14.82 12.01 7.00
CA CYS A 58 -13.75 12.78 6.35
C CYS A 58 -13.69 14.23 6.83
N TRP A 59 -12.51 14.87 6.71
CA TRP A 59 -12.30 16.22 7.22
C TRP A 59 -11.37 16.97 6.28
N ASN A 60 -11.94 17.68 5.29
CA ASN A 60 -11.14 18.45 4.32
C ASN A 60 -10.43 19.66 4.97
N PRO A 61 -9.07 19.70 4.96
CA PRO A 61 -8.37 20.87 5.57
C PRO A 61 -8.67 22.18 4.87
N ARG A 62 -9.01 22.18 3.55
CA ARG A 62 -9.27 23.43 2.82
C ARG A 62 -10.52 24.19 3.37
N VAL A 63 -11.49 23.45 4.02
CA VAL A 63 -12.69 24.01 4.64
C VAL A 63 -12.38 24.46 6.09
N TYR A 64 -11.10 24.85 6.33
CA TYR A 64 -10.56 25.30 7.62
C TYR A 64 -9.50 26.38 7.46
N THR A 65 -9.33 26.99 6.29
CA THR A 65 -8.36 28.08 6.17
C THR A 65 -8.89 29.32 6.94
N GLU A 66 -8.06 30.39 7.10
CA GLU A 66 -8.46 31.62 7.79
C GLU A 66 -9.44 32.36 6.87
N ASP A 67 -9.03 32.57 5.63
CA ASP A 67 -9.78 33.19 4.55
C ASP A 67 -9.90 32.15 3.47
N ARG A 68 -10.98 32.19 2.67
CA ARG A 68 -11.19 31.23 1.59
C ARG A 68 -10.31 31.54 0.35
N HIS A 69 -9.33 32.43 0.53
CA HIS A 69 -8.40 32.91 -0.49
C HIS A 69 -7.02 32.29 -0.35
N GLN A 70 -6.63 31.96 0.89
CA GLN A 70 -5.34 31.32 1.18
C GLN A 70 -5.45 29.82 0.90
N THR A 71 -4.52 29.28 0.07
CA THR A 71 -4.48 27.87 -0.29
C THR A 71 -3.99 27.05 0.89
N VAL A 72 -4.26 25.73 0.85
CA VAL A 72 -3.82 24.78 1.87
C VAL A 72 -2.30 24.68 1.79
N ASP A 73 -1.77 24.72 0.55
CA ASP A 73 -0.33 24.68 0.26
C ASP A 73 0.30 26.06 0.30
N ASP A 74 1.32 26.21 1.15
CA ASP A 74 2.06 27.44 1.27
C ASP A 74 3.52 27.23 0.82
N ARG A 75 4.38 28.24 0.96
CA ARG A 75 5.75 28.16 0.50
C ARG A 75 6.73 27.62 1.57
N PRO A 76 7.84 26.94 1.18
CA PRO A 76 8.78 26.46 2.21
C PRO A 76 9.72 27.57 2.70
N PHE A 77 9.95 27.62 4.02
CA PHE A 77 10.89 28.57 4.60
C PHE A 77 12.28 28.08 4.20
N GLY A 78 13.15 29.01 3.80
CA GLY A 78 14.50 28.69 3.35
C GLY A 78 14.60 28.33 1.87
N GLY A 79 13.49 28.53 1.15
CA GLY A 79 13.40 28.27 -0.28
C GLY A 79 13.31 26.81 -0.66
N GLY A 80 13.92 26.48 -1.80
CA GLY A 80 13.91 25.13 -2.35
C GLY A 80 12.64 24.83 -3.14
N PRO A 81 12.65 23.79 -4.02
CA PRO A 81 11.43 23.47 -4.79
C PRO A 81 10.35 22.82 -3.93
N GLY A 82 9.11 22.84 -4.44
CA GLY A 82 7.95 22.27 -3.76
C GLY A 82 7.23 23.21 -2.80
N MET A 83 6.08 22.72 -2.27
CA MET A 83 5.20 23.41 -1.32
C MET A 83 5.09 22.63 0.00
N VAL A 84 4.52 23.26 1.04
CA VAL A 84 4.31 22.68 2.38
C VAL A 84 2.84 22.89 2.77
N MET A 85 2.29 22.03 3.63
CA MET A 85 0.93 22.13 4.14
C MET A 85 0.95 22.93 5.43
N LYS A 86 0.17 24.03 5.49
CA LYS A 86 0.10 24.89 6.68
C LYS A 86 -0.42 24.16 7.93
N ILE A 87 -0.06 24.68 9.12
CA ILE A 87 -0.42 24.10 10.42
C ILE A 87 -1.87 24.39 10.77
N LYS A 88 -2.31 25.62 10.51
CA LYS A 88 -3.65 26.07 10.89
C LYS A 88 -4.76 25.25 10.23
N PRO A 89 -4.81 25.09 8.86
CA PRO A 89 -5.87 24.25 8.25
C PRO A 89 -5.92 22.83 8.81
N LEU A 90 -4.73 22.19 8.97
CA LEU A 90 -4.59 20.85 9.56
C LEU A 90 -5.07 20.81 11.01
N GLU A 91 -4.68 21.82 11.82
CA GLU A 91 -5.07 21.97 13.23
C GLU A 91 -6.58 22.08 13.44
N GLY A 92 -7.26 22.78 12.49
CA GLY A 92 -8.70 22.97 12.45
C GLY A 92 -9.42 21.66 12.22
N ALA A 93 -9.05 20.99 11.12
CA ALA A 93 -9.64 19.70 10.75
C ALA A 93 -9.42 18.70 11.89
N LEU A 94 -8.18 18.66 12.44
CA LEU A 94 -7.85 17.74 13.53
C LEU A 94 -8.67 17.97 14.81
N ALA A 95 -8.71 19.23 15.33
CA ALA A 95 -9.50 19.59 16.55
C ALA A 95 -11.01 19.22 16.38
N ASP A 96 -11.52 19.42 15.13
CA ASP A 96 -12.87 19.08 14.72
C ASP A 96 -13.05 17.54 14.71
N ALA A 97 -12.11 16.80 14.04
CA ALA A 97 -12.11 15.32 13.99
C ALA A 97 -12.10 14.75 15.41
N ARG A 98 -11.25 15.33 16.31
CA ARG A 98 -11.15 14.97 17.72
C ARG A 98 -12.49 15.12 18.42
N GLN A 99 -13.18 16.26 18.16
CA GLN A 99 -14.51 16.55 18.69
C GLN A 99 -15.51 15.45 18.34
N ALA A 100 -15.62 15.10 17.04
CA ALA A 100 -16.56 14.06 16.58
C ALA A 100 -16.30 12.65 17.13
N ALA A 101 -15.04 12.33 17.54
CA ALA A 101 -14.66 11.01 18.09
C ALA A 101 -15.41 10.70 19.40
N GLY A 102 -15.73 11.76 20.16
CA GLY A 102 -16.45 11.70 21.42
C GLY A 102 -15.56 11.35 22.60
N GLY A 103 -15.95 10.30 23.32
CA GLY A 103 -15.23 9.80 24.49
C GLY A 103 -14.19 8.75 24.17
N ARG A 104 -14.08 8.41 22.87
CA ARG A 104 -13.15 7.43 22.34
C ARG A 104 -11.70 7.90 22.43
N LYS A 105 -10.82 6.95 22.78
CA LYS A 105 -9.37 7.14 22.85
C LYS A 105 -8.89 7.12 21.38
N ALA A 106 -8.64 8.32 20.78
CA ALA A 106 -8.27 8.42 19.37
C ALA A 106 -6.76 8.60 19.09
N LYS A 107 -6.19 7.63 18.36
CA LYS A 107 -4.78 7.63 17.96
C LYS A 107 -4.66 8.43 16.67
N VAL A 108 -3.76 9.43 16.64
CA VAL A 108 -3.56 10.24 15.44
C VAL A 108 -2.38 9.73 14.62
N ILE A 109 -2.68 9.22 13.40
CA ILE A 109 -1.68 8.65 12.50
C ILE A 109 -1.41 9.52 11.29
N TYR A 110 -0.13 9.83 11.04
CA TYR A 110 0.29 10.56 9.85
C TYR A 110 0.82 9.51 8.85
N LEU A 111 0.13 9.38 7.68
CA LEU A 111 0.52 8.49 6.60
C LEU A 111 1.64 9.25 5.88
N SER A 112 2.88 8.74 5.92
CA SER A 112 4.06 9.40 5.38
C SER A 112 5.09 8.40 4.85
N PRO A 113 5.95 8.74 3.85
CA PRO A 113 6.99 7.78 3.43
C PRO A 113 8.07 7.62 4.49
N GLN A 114 8.31 8.70 5.30
CA GLN A 114 9.30 8.77 6.40
C GLN A 114 8.86 8.05 7.68
N GLY A 115 7.70 7.43 7.69
CA GLY A 115 7.21 6.69 8.85
C GLY A 115 7.78 5.28 8.91
N ARG A 116 7.53 4.57 10.02
CA ARG A 116 8.04 3.22 10.01
C ARG A 116 7.01 2.35 9.31
N GLN A 117 7.53 1.46 8.48
CA GLN A 117 6.83 0.58 7.57
C GLN A 117 5.76 -0.24 8.23
N LEU A 118 4.57 -0.24 7.62
CA LEU A 118 3.44 -1.01 8.11
C LEU A 118 3.68 -2.51 7.86
N THR A 119 3.38 -3.32 8.86
CA THR A 119 3.46 -4.79 8.81
C THR A 119 2.20 -5.27 9.49
N GLN A 120 1.77 -6.54 9.25
CA GLN A 120 0.57 -7.14 9.85
C GLN A 120 0.54 -7.02 11.37
N ALA A 121 1.75 -6.96 11.98
CA ALA A 121 1.96 -6.80 13.42
C ALA A 121 1.34 -5.47 13.84
N GLY A 122 1.68 -4.40 13.11
CA GLY A 122 1.16 -3.05 13.36
C GLY A 122 -0.33 -2.97 13.12
N VAL A 123 -0.81 -3.69 12.10
CA VAL A 123 -2.23 -3.76 11.73
C VAL A 123 -3.04 -4.33 12.93
N ARG A 124 -2.54 -5.43 13.57
CA ARG A 124 -3.15 -6.08 14.75
C ARG A 124 -3.20 -5.09 15.91
N GLU A 125 -2.12 -4.33 16.11
CA GLU A 125 -2.01 -3.32 17.16
C GLU A 125 -3.03 -2.21 16.92
N LEU A 126 -3.13 -1.71 15.66
CA LEU A 126 -4.04 -0.62 15.29
C LEU A 126 -5.53 -1.04 15.41
N ALA A 127 -5.83 -2.33 15.16
CA ALA A 127 -7.18 -2.91 15.25
C ALA A 127 -7.73 -2.93 16.67
N GLU A 128 -6.85 -2.89 17.68
CA GLU A 128 -7.19 -2.87 19.11
C GLU A 128 -7.71 -1.48 19.53
N GLU A 129 -7.44 -0.43 18.73
CA GLU A 129 -7.86 0.95 19.01
C GLU A 129 -9.36 1.15 18.90
N GLU A 130 -9.88 2.17 19.61
CA GLU A 130 -11.30 2.52 19.66
C GLU A 130 -11.65 3.61 18.64
N ALA A 131 -10.66 4.43 18.26
CA ALA A 131 -10.79 5.49 17.27
C ALA A 131 -9.44 5.80 16.61
N LEU A 132 -9.46 6.13 15.29
CA LEU A 132 -8.24 6.45 14.54
C LEU A 132 -8.46 7.68 13.69
N ILE A 133 -7.59 8.68 13.82
CA ILE A 133 -7.66 9.88 13.01
C ILE A 133 -6.45 9.80 12.10
N LEU A 134 -6.68 9.62 10.79
CA LEU A 134 -5.60 9.46 9.80
C LEU A 134 -5.36 10.71 9.01
N ILE A 135 -4.11 11.17 8.95
CA ILE A 135 -3.70 12.35 8.21
C ILE A 135 -3.06 11.99 6.88
N ALA A 136 -3.72 12.37 5.79
CA ALA A 136 -3.22 12.09 4.43
C ALA A 136 -2.65 13.38 3.88
N GLY A 137 -1.39 13.40 3.48
CA GLY A 137 -0.80 14.59 2.88
C GLY A 137 -0.61 14.40 1.40
N ARG A 138 -0.30 15.46 0.64
CA ARG A 138 -0.11 15.28 -0.81
C ARG A 138 1.38 15.17 -1.13
N TYR A 139 1.84 15.56 -2.34
CA TYR A 139 3.29 15.44 -2.58
C TYR A 139 4.09 16.47 -1.76
N GLU A 140 3.39 17.52 -1.31
CA GLU A 140 3.89 18.56 -0.44
C GLU A 140 4.19 17.96 0.94
N GLY A 141 5.10 18.57 1.68
CA GLY A 141 5.36 18.14 3.04
C GLY A 141 4.30 18.66 3.99
N ILE A 142 4.51 18.44 5.28
CA ILE A 142 3.66 18.95 6.35
C ILE A 142 4.61 19.65 7.32
N ASP A 143 4.16 20.77 7.92
CA ASP A 143 4.97 21.53 8.86
C ASP A 143 5.22 20.71 10.10
N GLU A 144 6.52 20.37 10.25
CA GLU A 144 7.13 19.55 11.28
C GLU A 144 6.58 19.75 12.68
N ARG A 145 6.26 21.01 13.04
CA ARG A 145 5.71 21.42 14.35
C ARG A 145 4.33 20.82 14.61
N PHE A 146 3.47 20.71 13.55
CA PHE A 146 2.14 20.08 13.62
C PHE A 146 2.32 18.58 13.96
N ILE A 147 3.33 17.93 13.32
CA ILE A 147 3.66 16.51 13.55
C ILE A 147 4.08 16.35 15.02
N GLU A 148 5.18 17.09 15.39
CA GLU A 148 5.80 17.20 16.72
C GLU A 148 4.73 17.32 17.78
N GLU A 149 3.74 18.21 17.56
CA GLU A 149 2.70 18.45 18.52
C GLU A 149 1.54 17.45 18.53
N HIS A 150 0.96 17.12 17.35
CA HIS A 150 -0.29 16.38 17.31
C HIS A 150 -0.27 14.91 16.89
N VAL A 151 0.72 14.50 16.09
CA VAL A 151 0.80 13.14 15.57
C VAL A 151 1.31 12.11 16.62
N ASP A 152 0.52 11.02 16.86
CA ASP A 152 0.82 9.93 17.79
C ASP A 152 1.70 8.78 17.16
N GLU A 153 1.63 8.62 15.83
CA GLU A 153 2.38 7.60 15.08
C GLU A 153 2.50 7.99 13.61
N GLU A 154 3.62 7.64 12.98
CA GLU A 154 3.87 7.87 11.55
C GLU A 154 4.08 6.52 10.86
N TRP A 155 3.27 6.21 9.82
CA TRP A 155 3.37 4.95 9.08
C TRP A 155 3.52 5.13 7.59
N SER A 156 4.31 4.26 6.99
CA SER A 156 4.57 4.14 5.54
C SER A 156 3.98 2.80 5.14
N ILE A 157 3.51 2.69 3.89
CA ILE A 157 2.97 1.40 3.42
C ILE A 157 4.04 0.61 2.64
N GLY A 158 5.22 1.23 2.37
CA GLY A 158 6.34 0.60 1.68
C GLY A 158 7.33 1.56 1.06
N ASP A 159 8.52 1.07 0.71
CA ASP A 159 9.63 1.82 0.10
C ASP A 159 9.45 2.17 -1.40
N TYR A 160 8.37 2.89 -1.72
CA TYR A 160 8.05 3.37 -3.07
C TYR A 160 7.40 4.72 -2.94
N VAL A 161 7.51 5.57 -3.98
CA VAL A 161 6.97 6.94 -3.91
C VAL A 161 5.59 7.05 -4.56
N LEU A 162 4.62 7.47 -3.76
CA LEU A 162 3.26 7.71 -4.20
C LEU A 162 3.09 9.24 -4.25
N SER A 163 1.99 9.70 -4.88
CA SER A 163 1.67 11.12 -5.01
C SER A 163 1.09 11.67 -3.71
N GLY A 164 0.48 10.81 -2.87
CA GLY A 164 -0.19 11.25 -1.65
C GLY A 164 -0.54 10.14 -0.70
N GLY A 165 -1.08 10.51 0.47
CA GLY A 165 -1.42 9.58 1.55
C GLY A 165 -2.82 9.02 1.60
N GLU A 166 -3.65 9.27 0.56
CA GLU A 166 -5.04 8.78 0.47
C GLU A 166 -5.11 7.27 0.22
N LEU A 167 -4.36 6.77 -0.78
CA LEU A 167 -4.27 5.32 -1.01
C LEU A 167 -3.64 4.63 0.21
N PRO A 168 -2.49 5.11 0.80
CA PRO A 168 -2.00 4.49 2.06
C PRO A 168 -3.03 4.54 3.18
N ALA A 169 -3.80 5.64 3.33
CA ALA A 169 -4.85 5.72 4.35
C ALA A 169 -5.90 4.66 4.10
N MET A 170 -6.34 4.46 2.83
CA MET A 170 -7.34 3.45 2.48
C MET A 170 -6.82 2.03 2.72
N VAL A 171 -5.53 1.81 2.47
CA VAL A 171 -4.84 0.53 2.70
C VAL A 171 -4.85 0.22 4.20
N LEU A 172 -4.55 1.22 5.05
CA LEU A 172 -4.57 1.06 6.50
C LEU A 172 -5.96 0.66 6.97
N VAL A 173 -6.99 1.39 6.53
CA VAL A 173 -8.39 1.12 6.93
C VAL A 173 -8.81 -0.29 6.51
N ASP A 174 -8.55 -0.66 5.26
CA ASP A 174 -8.85 -2.01 4.77
C ASP A 174 -8.18 -3.12 5.62
N ALA A 175 -6.82 -3.05 5.79
CA ALA A 175 -6.01 -4.00 6.57
C ALA A 175 -6.59 -4.21 8.00
N VAL A 176 -6.90 -3.09 8.67
CA VAL A 176 -7.46 -3.08 10.02
C VAL A 176 -8.88 -3.67 10.08
N THR A 177 -9.79 -3.28 9.13
CA THR A 177 -11.20 -3.68 9.16
C THR A 177 -11.39 -5.20 9.01
N ARG A 178 -10.44 -5.95 8.37
CA ARG A 178 -10.55 -7.43 8.25
C ARG A 178 -10.49 -8.10 9.63
N LEU A 179 -9.74 -7.48 10.54
CA LEU A 179 -9.50 -7.94 11.89
C LEU A 179 -10.70 -7.70 12.80
N LEU A 180 -11.55 -6.69 12.50
CA LEU A 180 -12.75 -6.41 13.29
C LEU A 180 -13.66 -7.64 13.26
N PRO A 181 -13.94 -8.24 14.45
CA PRO A 181 -14.74 -9.48 14.48
C PRO A 181 -16.15 -9.31 13.92
N GLY A 182 -16.45 -10.12 12.90
CA GLY A 182 -17.75 -10.10 12.24
C GLY A 182 -17.72 -9.58 10.82
N ALA A 183 -16.66 -8.82 10.44
CA ALA A 183 -16.50 -8.24 9.10
C ALA A 183 -16.36 -9.34 8.04
N LEU A 184 -15.46 -10.31 8.29
CA LEU A 184 -15.23 -11.45 7.41
C LEU A 184 -16.36 -12.50 7.53
N SER A 194 -1.12 -15.42 5.29
CA SER A 194 0.20 -14.81 5.16
C SER A 194 0.43 -13.80 6.28
N PHE A 195 1.70 -13.69 6.72
CA PHE A 195 2.23 -12.81 7.77
C PHE A 195 1.58 -13.00 9.17
N THR A 196 0.63 -13.97 9.29
CA THR A 196 -0.07 -14.32 10.53
C THR A 196 0.93 -14.96 11.52
N ASP A 197 1.54 -16.08 11.10
CA ASP A 197 2.51 -16.88 11.83
C ASP A 197 3.93 -16.55 11.35
N GLY A 198 4.06 -15.46 10.57
CA GLY A 198 5.34 -15.03 10.00
C GLY A 198 5.75 -15.75 8.73
N LEU A 199 4.82 -16.57 8.19
CA LEU A 199 5.01 -17.36 6.97
C LEU A 199 4.06 -16.87 5.88
N LEU A 200 4.42 -17.15 4.59
CA LEU A 200 3.57 -16.84 3.44
C LEU A 200 2.49 -17.90 3.37
N ASP A 201 1.52 -17.75 2.48
CA ASP A 201 0.45 -18.74 2.43
C ASP A 201 0.76 -19.92 1.49
N CYS A 202 -0.04 -21.00 1.60
CA CYS A 202 0.05 -22.20 0.76
C CYS A 202 -0.63 -21.87 -0.59
N PRO A 203 -0.39 -22.61 -1.70
CA PRO A 203 -1.16 -22.31 -2.91
C PRO A 203 -2.61 -22.74 -2.71
N HIS A 204 -3.50 -22.22 -3.55
CA HIS A 204 -4.93 -22.54 -3.50
C HIS A 204 -5.39 -23.12 -4.80
N TYR A 205 -6.31 -24.05 -4.69
CA TYR A 205 -6.86 -24.75 -5.85
C TYR A 205 -8.36 -24.85 -5.76
N THR A 206 -9.02 -24.62 -6.90
CA THR A 206 -10.47 -24.75 -6.97
C THR A 206 -10.89 -25.52 -8.23
N ARG A 207 -12.19 -25.75 -8.43
CA ARG A 207 -12.71 -26.47 -9.61
C ARG A 207 -12.26 -25.83 -10.95
N PRO A 208 -11.86 -26.59 -11.98
CA PRO A 208 -11.89 -28.08 -12.14
C PRO A 208 -10.71 -28.83 -11.53
N GLU A 209 -10.81 -30.17 -11.43
CA GLU A 209 -9.76 -31.08 -10.96
C GLU A 209 -8.52 -31.00 -11.86
N VAL A 210 -8.70 -30.77 -13.19
CA VAL A 210 -7.61 -30.59 -14.14
C VAL A 210 -7.89 -29.31 -14.93
N TYR A 211 -6.89 -28.43 -15.05
CA TYR A 211 -6.98 -27.17 -15.77
C TYR A 211 -5.66 -26.94 -16.51
N ALA A 212 -5.73 -26.52 -17.78
CA ALA A 212 -4.58 -26.26 -18.67
C ALA A 212 -3.44 -27.31 -18.50
N ASP A 213 -3.80 -28.62 -18.56
CA ASP A 213 -2.91 -29.80 -18.43
C ASP A 213 -2.27 -29.94 -17.01
N LYS A 214 -2.76 -29.16 -16.03
CA LYS A 214 -2.27 -29.15 -14.64
C LYS A 214 -3.36 -29.67 -13.72
N ARG A 215 -3.02 -30.65 -12.91
CA ARG A 215 -3.98 -31.29 -12.01
C ARG A 215 -3.77 -30.86 -10.56
N VAL A 216 -4.87 -30.79 -9.81
CA VAL A 216 -4.89 -30.44 -8.39
C VAL A 216 -4.09 -31.49 -7.59
N PRO A 217 -3.13 -31.04 -6.73
CA PRO A 217 -2.37 -32.01 -5.93
C PRO A 217 -3.31 -33.00 -5.24
N GLU A 218 -3.01 -34.32 -5.42
CA GLU A 218 -3.80 -35.43 -4.91
C GLU A 218 -4.17 -35.27 -3.46
N VAL A 219 -3.20 -34.90 -2.61
CA VAL A 219 -3.41 -34.70 -1.17
C VAL A 219 -4.69 -33.89 -0.86
N LEU A 220 -5.09 -32.95 -1.76
CA LEU A 220 -6.27 -32.12 -1.58
C LEU A 220 -7.54 -32.85 -2.02
N LEU A 221 -7.46 -33.59 -3.15
CA LEU A 221 -8.57 -34.37 -3.69
C LEU A 221 -8.89 -35.62 -2.86
N SER A 222 -7.85 -36.35 -2.38
CA SER A 222 -7.99 -37.65 -1.70
C SER A 222 -7.59 -37.71 -0.20
N GLY A 223 -6.73 -36.82 0.26
CA GLY A 223 -6.23 -36.84 1.63
C GLY A 223 -7.26 -36.53 2.70
N ASN A 224 -6.84 -36.72 3.95
CA ASN A 224 -7.63 -36.44 5.14
C ASN A 224 -7.26 -35.05 5.66
N HIS A 225 -7.98 -34.55 6.67
CA HIS A 225 -7.76 -33.21 7.21
C HIS A 225 -6.44 -33.08 7.99
N GLU A 226 -5.64 -34.15 8.10
CA GLU A 226 -4.34 -34.06 8.78
C GLU A 226 -3.22 -34.04 7.74
N HIS A 227 -3.43 -34.80 6.63
CA HIS A 227 -2.51 -34.83 5.49
C HIS A 227 -2.43 -33.41 4.92
N ILE A 228 -3.63 -32.83 4.68
CA ILE A 228 -3.84 -31.52 4.10
C ILE A 228 -3.18 -30.41 4.94
N ARG A 229 -3.40 -30.42 6.28
CA ARG A 229 -2.75 -29.45 7.19
C ARG A 229 -1.21 -29.48 7.02
N ARG A 230 -0.61 -30.68 7.07
CA ARG A 230 0.83 -30.95 6.92
C ARG A 230 1.38 -30.46 5.54
N TRP A 231 0.67 -30.76 4.42
CA TRP A 231 1.04 -30.31 3.06
C TRP A 231 0.97 -28.77 2.94
N ARG A 232 -0.15 -28.17 3.38
CA ARG A 232 -0.32 -26.72 3.37
C ARG A 232 0.81 -26.01 4.13
N LEU A 233 1.15 -26.51 5.33
CA LEU A 233 2.24 -26.02 6.20
C LEU A 233 3.60 -26.14 5.50
N GLN A 234 3.84 -27.28 4.82
CA GLN A 234 5.05 -27.56 4.05
C GLN A 234 5.17 -26.57 2.84
N GLN A 235 4.03 -26.27 2.19
CA GLN A 235 3.98 -25.35 1.06
C GLN A 235 4.23 -23.92 1.51
N ALA A 236 3.60 -23.50 2.63
CA ALA A 236 3.80 -22.17 3.23
C ALA A 236 5.29 -21.97 3.59
N LEU A 237 5.90 -22.98 4.23
CA LEU A 237 7.32 -22.93 4.58
C LEU A 237 8.20 -22.82 3.35
N GLY A 238 7.92 -23.69 2.36
CA GLY A 238 8.68 -23.75 1.12
C GLY A 238 8.62 -22.47 0.32
N ARG A 239 7.38 -21.94 0.12
CA ARG A 239 7.15 -20.67 -0.59
C ARG A 239 7.81 -19.50 0.13
N THR A 240 7.73 -19.47 1.48
CA THR A 240 8.43 -18.45 2.29
C THR A 240 9.95 -18.58 2.03
N TRP A 241 10.54 -19.79 2.19
CA TRP A 241 11.96 -20.02 1.95
C TRP A 241 12.38 -19.56 0.57
N GLU A 242 11.58 -19.90 -0.45
CA GLU A 242 11.85 -19.57 -1.86
C GLU A 242 11.87 -18.10 -2.14
N ARG A 243 10.84 -17.37 -1.65
CA ARG A 243 10.54 -15.97 -1.97
C ARG A 243 10.94 -14.94 -0.92
N ARG A 244 10.73 -15.25 0.36
CA ARG A 244 10.96 -14.35 1.48
C ARG A 244 11.77 -15.08 2.57
N ALA A 245 13.01 -15.41 2.24
CA ALA A 245 13.93 -16.12 3.14
C ALA A 245 14.24 -15.28 4.41
N ASP A 246 14.19 -13.93 4.27
CA ASP A 246 14.36 -12.96 5.37
C ASP A 246 13.34 -13.20 6.49
N LEU A 247 12.07 -13.52 6.15
CA LEU A 247 11.01 -13.80 7.12
C LEU A 247 11.32 -15.03 7.93
N LEU A 248 12.19 -15.91 7.41
CA LEU A 248 12.60 -17.14 8.09
C LEU A 248 13.84 -16.93 9.00
N ASP A 249 14.66 -15.89 8.73
CA ASP A 249 15.80 -15.50 9.57
C ASP A 249 15.23 -14.99 10.87
N SER A 250 14.15 -14.18 10.77
CA SER A 250 13.37 -13.60 11.87
C SER A 250 12.70 -14.71 12.70
N ARG A 251 11.84 -15.51 12.05
CA ARG A 251 11.07 -16.58 12.65
C ARG A 251 11.94 -17.82 12.92
N SER A 252 11.84 -18.41 14.12
CA SER A 252 12.63 -19.61 14.38
C SER A 252 11.87 -20.83 13.88
N LEU A 253 12.61 -21.79 13.29
CA LEU A 253 12.07 -23.04 12.75
C LEU A 253 12.09 -24.18 13.77
N SER A 254 10.95 -24.87 13.90
CA SER A 254 10.81 -26.00 14.81
C SER A 254 11.32 -27.28 14.16
N GLY A 255 11.38 -28.37 14.91
CA GLY A 255 11.81 -29.68 14.45
C GLY A 255 10.93 -30.18 13.33
N GLU A 256 9.58 -30.27 13.58
CA GLU A 256 8.59 -30.70 12.58
C GLU A 256 8.67 -29.85 11.28
N GLU A 257 8.79 -28.49 11.45
CA GLU A 257 8.88 -27.56 10.34
C GLU A 257 10.11 -27.74 9.51
N GLN A 258 11.28 -27.87 10.13
CA GLN A 258 12.57 -28.04 9.43
C GLN A 258 12.56 -29.31 8.59
N LYS A 259 11.88 -30.36 9.06
CA LYS A 259 11.79 -31.59 8.31
C LYS A 259 10.90 -31.36 7.09
N LEU A 260 9.74 -30.66 7.28
CA LEU A 260 8.79 -30.32 6.20
C LEU A 260 9.45 -29.40 5.18
N LEU A 261 10.32 -28.49 5.63
CA LEU A 261 11.05 -27.60 4.74
C LEU A 261 12.17 -28.36 4.00
N ALA A 262 12.90 -29.27 4.70
CA ALA A 262 13.96 -30.07 4.10
C ALA A 262 13.37 -30.93 3.00
N GLU A 263 12.22 -31.53 3.25
CA GLU A 263 11.45 -32.34 2.33
C GLU A 263 10.96 -31.47 1.17
N TYR A 264 10.63 -30.20 1.42
CA TYR A 264 10.19 -29.34 0.35
C TYR A 264 11.35 -29.04 -0.58
N ILE A 265 12.50 -28.55 -0.01
CA ILE A 265 13.71 -28.17 -0.77
C ILE A 265 14.22 -29.34 -1.60
N ARG A 266 14.42 -30.51 -0.94
CA ARG A 266 14.94 -31.74 -1.51
C ARG A 266 14.04 -32.39 -2.52
N GLN A 267 12.74 -32.08 -2.56
CA GLN A 267 11.86 -32.68 -3.59
C GLN A 267 11.34 -31.67 -4.62
N ARG A 268 11.67 -30.36 -4.49
CA ARG A 268 11.12 -29.28 -5.33
C ARG A 268 11.35 -29.49 -6.86
N ASP A 269 12.64 -29.64 -7.32
CA ASP A 269 13.07 -29.78 -8.73
C ASP A 269 12.95 -28.45 -9.49
N GLN B 21 -1.26 5.55 -28.75
CA GLN B 21 -0.19 6.55 -28.73
C GLN B 21 0.38 6.79 -27.31
N SER B 22 -0.36 6.35 -26.25
CA SER B 22 0.02 6.47 -24.82
C SER B 22 1.33 5.77 -24.51
N MET B 23 2.11 6.24 -23.53
CA MET B 23 3.39 5.62 -23.21
C MET B 23 3.30 4.38 -22.28
N LEU B 24 2.10 4.12 -21.71
CA LEU B 24 1.82 2.98 -20.85
C LEU B 24 0.34 2.67 -20.89
N TRP B 25 -0.01 1.44 -21.28
CA TRP B 25 -1.37 0.92 -21.34
C TRP B 25 -1.55 0.04 -20.11
N VAL B 26 -2.57 0.30 -19.29
CA VAL B 26 -2.82 -0.49 -18.10
C VAL B 26 -4.22 -1.00 -18.12
N GLY B 27 -4.34 -2.32 -17.94
CA GLY B 27 -5.60 -3.03 -17.90
C GLY B 27 -5.73 -3.71 -16.55
N VAL B 28 -6.82 -3.44 -15.85
CA VAL B 28 -7.03 -3.98 -14.51
C VAL B 28 -8.15 -5.00 -14.46
N VAL B 29 -7.84 -6.21 -14.00
CA VAL B 29 -8.81 -7.28 -13.83
C VAL B 29 -9.24 -7.29 -12.40
N SER B 30 -10.46 -6.78 -12.13
CA SER B 30 -11.02 -6.62 -10.80
C SER B 30 -12.56 -6.69 -10.80
N ILE B 31 -13.16 -7.29 -9.75
CA ILE B 31 -14.62 -7.35 -9.62
C ILE B 31 -15.22 -6.02 -9.15
N PHE B 32 -14.39 -5.01 -8.79
CA PHE B 32 -14.84 -3.67 -8.37
C PHE B 32 -14.19 -2.60 -9.27
N PRO B 33 -14.58 -2.43 -10.55
CA PRO B 33 -13.87 -1.44 -11.40
C PRO B 33 -14.16 0.02 -11.05
N GLU B 34 -15.28 0.28 -10.36
CA GLU B 34 -15.67 1.62 -9.95
C GLU B 34 -14.67 2.16 -8.93
N MET B 35 -14.17 1.27 -8.08
CA MET B 35 -13.14 1.58 -7.09
C MET B 35 -11.94 2.34 -7.66
N PHE B 36 -11.58 2.07 -8.93
CA PHE B 36 -10.45 2.68 -9.64
C PHE B 36 -10.67 4.13 -10.09
N ARG B 37 -11.81 4.75 -9.70
CA ARG B 37 -12.08 6.18 -9.94
C ARG B 37 -11.04 6.97 -9.14
N ALA B 38 -10.70 6.48 -7.92
CA ALA B 38 -9.66 7.00 -7.03
C ALA B 38 -8.33 7.32 -7.77
N ILE B 39 -8.03 6.65 -8.90
CA ILE B 39 -6.83 6.96 -9.66
C ILE B 39 -7.16 7.61 -11.00
N SER B 40 -8.37 7.37 -11.54
CA SER B 40 -8.77 7.93 -12.84
C SER B 40 -9.20 9.37 -12.75
N ASP B 41 -9.79 9.77 -11.60
CA ASP B 41 -10.30 11.12 -11.34
C ASP B 41 -9.36 12.04 -10.55
N TYR B 42 -8.42 11.46 -9.78
CA TYR B 42 -7.52 12.19 -8.88
C TYR B 42 -6.10 12.01 -9.25
N GLY B 43 -5.32 13.04 -8.96
CA GLY B 43 -3.87 13.10 -9.08
C GLY B 43 -3.19 12.97 -10.42
N ILE B 44 -1.92 12.56 -10.35
CA ILE B 44 -1.02 12.41 -11.48
C ILE B 44 -1.52 11.40 -12.52
N THR B 45 -2.12 10.29 -12.05
CA THR B 45 -2.65 9.24 -12.92
C THR B 45 -3.80 9.79 -13.73
N SER B 46 -4.64 10.61 -13.09
CA SER B 46 -5.78 11.28 -13.72
C SER B 46 -5.29 12.21 -14.83
N ARG B 47 -4.26 13.01 -14.50
CA ARG B 47 -3.62 13.94 -15.41
C ARG B 47 -3.06 13.19 -16.60
N ALA B 48 -2.32 12.11 -16.35
CA ALA B 48 -1.72 11.25 -17.37
C ALA B 48 -2.78 10.62 -18.30
N VAL B 49 -3.95 10.25 -17.75
CA VAL B 49 -5.07 9.65 -18.48
C VAL B 49 -5.62 10.65 -19.50
N LYS B 50 -5.75 11.93 -19.09
CA LYS B 50 -6.19 13.08 -19.88
C LYS B 50 -5.12 13.41 -20.94
N GLN B 51 -3.88 13.67 -20.50
CA GLN B 51 -2.71 13.95 -21.34
C GLN B 51 -2.43 12.84 -22.34
N GLY B 52 -2.97 11.64 -22.09
CA GLY B 52 -2.77 10.45 -22.93
C GLY B 52 -1.42 9.78 -22.75
N LEU B 53 -0.84 9.87 -21.53
CA LEU B 53 0.42 9.21 -21.18
C LEU B 53 0.07 7.84 -20.61
N LEU B 54 -1.17 7.70 -20.12
CA LEU B 54 -1.62 6.46 -19.53
C LEU B 54 -3.03 6.12 -19.97
N THR B 55 -3.21 4.93 -20.54
CA THR B 55 -4.53 4.46 -20.94
C THR B 55 -4.95 3.52 -19.81
N LEU B 56 -6.02 3.89 -19.12
CA LEU B 56 -6.51 3.13 -17.99
C LEU B 56 -7.86 2.47 -18.32
N THR B 57 -7.85 1.14 -18.50
CA THR B 57 -9.04 0.32 -18.80
C THR B 57 -9.23 -0.76 -17.73
N CYS B 58 -10.50 -1.11 -17.41
CA CYS B 58 -10.89 -2.14 -16.43
C CYS B 58 -11.57 -3.33 -17.08
N TRP B 59 -11.54 -4.50 -16.42
CA TRP B 59 -12.09 -5.76 -16.95
C TRP B 59 -12.72 -6.56 -15.88
N ASN B 60 -14.03 -6.32 -15.62
CA ASN B 60 -14.77 -7.01 -14.57
C ASN B 60 -14.96 -8.51 -14.86
N PRO B 61 -14.39 -9.42 -14.05
CA PRO B 61 -14.59 -10.85 -14.30
C PRO B 61 -16.07 -11.28 -14.18
N ARG B 62 -16.91 -10.47 -13.49
CA ARG B 62 -18.33 -10.73 -13.26
C ARG B 62 -19.17 -10.68 -14.55
N VAL B 63 -18.66 -9.98 -15.58
CA VAL B 63 -19.27 -9.83 -16.89
C VAL B 63 -18.64 -10.89 -17.86
N TYR B 64 -18.21 -12.04 -17.30
CA TYR B 64 -17.60 -13.16 -18.02
C TYR B 64 -18.03 -14.48 -17.38
N THR B 65 -19.11 -14.43 -16.55
CA THR B 65 -19.74 -15.54 -15.86
C THR B 65 -20.94 -16.12 -16.66
N GLU B 66 -21.32 -17.39 -16.36
CA GLU B 66 -22.41 -18.14 -17.02
C GLU B 66 -23.77 -18.17 -16.24
N ASP B 67 -23.83 -17.54 -15.05
CA ASP B 67 -25.06 -17.51 -14.26
C ASP B 67 -25.54 -16.09 -13.91
N ARG B 68 -26.87 -15.99 -13.68
CA ARG B 68 -27.61 -14.76 -13.36
C ARG B 68 -27.20 -14.09 -12.05
N HIS B 69 -26.56 -14.84 -11.13
CA HIS B 69 -26.09 -14.29 -9.86
C HIS B 69 -24.65 -13.73 -9.92
N GLN B 70 -24.04 -13.80 -11.12
CA GLN B 70 -22.66 -13.37 -11.42
C GLN B 70 -21.66 -13.90 -10.37
N THR B 71 -21.77 -15.23 -10.05
CA THR B 71 -20.94 -15.97 -9.09
C THR B 71 -19.54 -16.07 -9.67
N VAL B 72 -18.56 -15.59 -8.89
CA VAL B 72 -17.15 -15.48 -9.25
C VAL B 72 -16.23 -16.11 -8.16
N ASP B 73 -16.82 -16.69 -7.11
CA ASP B 73 -16.14 -17.40 -6.05
C ASP B 73 -16.48 -18.89 -6.11
N ASP B 74 -15.47 -19.75 -6.05
CA ASP B 74 -15.57 -21.22 -6.08
C ASP B 74 -15.07 -21.76 -4.72
N ARG B 75 -15.43 -23.01 -4.34
CA ARG B 75 -15.01 -23.57 -3.03
C ARG B 75 -13.58 -24.05 -3.16
N PRO B 76 -12.80 -24.07 -2.06
CA PRO B 76 -11.42 -24.57 -2.16
C PRO B 76 -11.35 -26.09 -2.11
N PHE B 77 -10.45 -26.67 -2.95
CA PHE B 77 -10.18 -28.10 -2.93
C PHE B 77 -9.42 -28.40 -1.64
N GLY B 78 -9.80 -29.46 -0.94
CA GLY B 78 -9.19 -29.85 0.33
C GLY B 78 -9.77 -29.15 1.54
N GLY B 79 -10.88 -28.46 1.32
CA GLY B 79 -11.63 -27.76 2.37
C GLY B 79 -10.97 -26.48 2.84
N GLY B 80 -11.13 -26.22 4.13
CA GLY B 80 -10.61 -25.02 4.77
C GLY B 80 -11.55 -23.83 4.61
N PRO B 81 -11.44 -22.79 5.47
CA PRO B 81 -12.32 -21.61 5.30
C PRO B 81 -11.92 -20.76 4.09
N GLY B 82 -12.81 -19.89 3.64
CA GLY B 82 -12.57 -19.03 2.50
C GLY B 82 -12.99 -19.62 1.17
N MET B 83 -12.90 -18.79 0.14
CA MET B 83 -13.24 -19.11 -1.24
C MET B 83 -12.05 -18.79 -2.10
N VAL B 84 -12.07 -19.30 -3.31
CA VAL B 84 -11.01 -19.09 -4.28
C VAL B 84 -11.74 -18.40 -5.43
N MET B 85 -11.05 -17.60 -6.18
CA MET B 85 -11.73 -16.94 -7.27
C MET B 85 -11.91 -18.00 -8.37
N LYS B 86 -13.09 -18.01 -9.03
CA LYS B 86 -13.44 -18.92 -10.12
C LYS B 86 -12.49 -18.67 -11.31
N ILE B 87 -12.01 -19.75 -11.93
CA ILE B 87 -11.02 -19.70 -13.01
C ILE B 87 -11.55 -19.18 -14.35
N LYS B 88 -12.73 -19.70 -14.82
CA LYS B 88 -13.32 -19.32 -16.11
C LYS B 88 -13.59 -17.81 -16.18
N PRO B 89 -14.27 -17.17 -15.19
CA PRO B 89 -14.48 -15.70 -15.25
C PRO B 89 -13.17 -14.91 -15.40
N LEU B 90 -12.10 -15.31 -14.61
CA LEU B 90 -10.76 -14.71 -14.71
C LEU B 90 -10.15 -14.86 -16.09
N GLU B 91 -10.31 -16.07 -16.67
CA GLU B 91 -9.79 -16.45 -17.97
C GLU B 91 -10.34 -15.50 -19.04
N GLY B 92 -11.65 -15.31 -18.97
CA GLY B 92 -12.41 -14.45 -19.87
C GLY B 92 -11.89 -13.03 -19.91
N ALA B 93 -11.93 -12.36 -18.72
CA ALA B 93 -11.44 -11.00 -18.50
C ALA B 93 -9.97 -10.83 -18.87
N LEU B 94 -9.12 -11.86 -18.65
CA LEU B 94 -7.71 -11.77 -19.01
C LEU B 94 -7.50 -11.79 -20.52
N ALA B 95 -8.22 -12.71 -21.21
CA ALA B 95 -8.20 -12.86 -22.68
C ALA B 95 -8.64 -11.56 -23.33
N ASP B 96 -9.74 -11.01 -22.84
CA ASP B 96 -10.27 -9.73 -23.30
C ASP B 96 -9.29 -8.57 -23.11
N ALA B 97 -8.61 -8.53 -21.94
CA ALA B 97 -7.61 -7.52 -21.61
C ALA B 97 -6.40 -7.64 -22.56
N ARG B 98 -5.95 -8.88 -22.79
CA ARG B 98 -4.84 -9.22 -23.70
C ARG B 98 -5.17 -8.74 -25.11
N GLN B 99 -6.42 -8.97 -25.56
CA GLN B 99 -6.94 -8.55 -26.86
C GLN B 99 -6.78 -7.03 -27.03
N ALA B 100 -7.30 -6.23 -26.08
CA ALA B 100 -7.22 -4.76 -26.13
C ALA B 100 -5.81 -4.18 -26.12
N ALA B 101 -4.81 -4.91 -25.57
CA ALA B 101 -3.41 -4.44 -25.51
C ALA B 101 -2.78 -4.27 -26.90
N GLY B 102 -3.26 -5.06 -27.86
CA GLY B 102 -2.83 -5.07 -29.26
C GLY B 102 -1.53 -5.82 -29.48
N GLY B 103 -0.58 -5.13 -30.10
CA GLY B 103 0.76 -5.64 -30.38
C GLY B 103 1.77 -5.29 -29.30
N ARG B 104 1.32 -4.56 -28.25
N ARG B 104 1.32 -4.58 -28.25
CA ARG B 104 2.13 -4.14 -27.10
CA ARG B 104 2.13 -4.18 -27.10
C ARG B 104 2.59 -5.36 -26.29
C ARG B 104 2.60 -5.38 -26.30
N LYS B 105 3.84 -5.33 -25.77
CA LYS B 105 4.39 -6.38 -24.95
C LYS B 105 3.78 -6.16 -23.55
N ALA B 106 2.75 -6.95 -23.20
CA ALA B 106 2.03 -6.81 -21.93
C ALA B 106 2.47 -7.80 -20.83
N LYS B 107 3.00 -7.26 -19.72
CA LYS B 107 3.43 -8.02 -18.55
C LYS B 107 2.19 -8.25 -17.68
N VAL B 108 1.90 -9.53 -17.32
CA VAL B 108 0.75 -9.86 -16.49
C VAL B 108 1.18 -9.97 -15.02
N ILE B 109 0.70 -9.03 -14.18
CA ILE B 109 1.04 -8.95 -12.77
C ILE B 109 -0.12 -9.36 -11.88
N TYR B 110 0.15 -10.28 -10.95
CA TYR B 110 -0.82 -10.67 -9.94
C TYR B 110 -0.43 -9.94 -8.65
N LEU B 111 -1.34 -9.14 -8.11
CA LEU B 111 -1.08 -8.43 -6.86
C LEU B 111 -1.32 -9.46 -5.79
N SER B 112 -0.30 -9.85 -5.03
CA SER B 112 -0.41 -10.94 -4.03
C SER B 112 0.46 -10.65 -2.82
N PRO B 113 0.04 -11.01 -1.57
CA PRO B 113 0.93 -10.83 -0.39
C PRO B 113 2.21 -11.70 -0.50
N GLN B 114 2.06 -12.88 -1.18
CA GLN B 114 3.13 -13.86 -1.45
C GLN B 114 4.10 -13.44 -2.57
N GLY B 115 3.89 -12.26 -3.14
CA GLY B 115 4.75 -11.75 -4.19
C GLY B 115 5.99 -11.04 -3.69
N ARG B 116 6.77 -10.54 -4.64
CA ARG B 116 8.00 -9.78 -4.53
C ARG B 116 7.64 -8.39 -3.97
N GLN B 117 8.08 -8.03 -2.73
CA GLN B 117 7.75 -6.72 -2.16
C GLN B 117 8.14 -5.64 -3.11
N LEU B 118 7.19 -4.74 -3.35
CA LEU B 118 7.44 -3.62 -4.23
C LEU B 118 8.38 -2.60 -3.51
N THR B 119 9.40 -2.14 -4.23
CA THR B 119 10.36 -1.11 -3.81
C THR B 119 10.50 -0.22 -5.02
N GLN B 120 11.00 1.04 -4.85
CA GLN B 120 11.18 2.00 -5.95
C GLN B 120 11.99 1.44 -7.12
N ALA B 121 12.88 0.48 -6.82
CA ALA B 121 13.69 -0.24 -7.79
C ALA B 121 12.77 -0.97 -8.75
N GLY B 122 11.79 -1.72 -8.22
CA GLY B 122 10.81 -2.45 -9.00
C GLY B 122 9.90 -1.54 -9.79
N VAL B 123 9.56 -0.38 -9.20
CA VAL B 123 8.72 0.64 -9.80
C VAL B 123 9.39 1.15 -11.09
N ARG B 124 10.72 1.43 -11.04
CA ARG B 124 11.54 1.87 -12.18
C ARG B 124 11.53 0.82 -13.28
N GLU B 125 11.67 -0.46 -12.88
CA GLU B 125 11.65 -1.60 -13.79
C GLU B 125 10.30 -1.72 -14.50
N LEU B 126 9.20 -1.60 -13.73
CA LEU B 126 7.83 -1.70 -14.25
C LEU B 126 7.47 -0.54 -15.19
N ALA B 127 8.04 0.66 -14.93
CA ALA B 127 7.83 1.87 -15.71
C ALA B 127 8.38 1.77 -17.13
N GLU B 128 9.38 0.88 -17.34
CA GLU B 128 10.02 0.60 -18.63
C GLU B 128 9.09 -0.20 -19.56
N GLU B 129 8.05 -0.85 -19.01
CA GLU B 129 7.09 -1.66 -19.77
C GLU B 129 6.15 -0.81 -20.67
N GLU B 130 5.66 -1.38 -21.81
CA GLU B 130 4.73 -0.64 -22.67
C GLU B 130 3.26 -0.94 -22.30
N ALA B 131 2.99 -2.13 -21.75
CA ALA B 131 1.64 -2.49 -21.29
C ALA B 131 1.69 -3.36 -20.03
N LEU B 132 0.71 -3.16 -19.10
CA LEU B 132 0.64 -3.91 -17.84
C LEU B 132 -0.78 -4.36 -17.59
N ILE B 133 -0.97 -5.66 -17.38
CA ILE B 133 -2.30 -6.20 -17.06
C ILE B 133 -2.19 -6.61 -15.62
N LEU B 134 -2.93 -5.91 -14.73
CA LEU B 134 -2.89 -6.16 -13.30
C LEU B 134 -4.09 -6.95 -12.83
N ILE B 135 -3.84 -8.06 -12.13
CA ILE B 135 -4.88 -8.93 -11.57
C ILE B 135 -5.11 -8.65 -10.10
N ALA B 136 -6.30 -8.14 -9.81
CA ALA B 136 -6.71 -7.83 -8.46
C ALA B 136 -7.55 -8.96 -7.99
N GLY B 137 -6.91 -9.76 -7.14
CA GLY B 137 -7.49 -10.95 -6.55
C GLY B 137 -8.43 -10.56 -5.45
N ARG B 138 -9.25 -11.51 -4.99
CA ARG B 138 -10.24 -11.35 -3.91
C ARG B 138 -10.38 -12.70 -3.25
N TYR B 139 -11.10 -12.76 -2.09
CA TYR B 139 -11.32 -13.97 -1.27
C TYR B 139 -9.93 -14.51 -0.85
N GLU B 140 -9.71 -15.83 -0.83
CA GLU B 140 -8.41 -16.37 -0.49
C GLU B 140 -7.38 -16.25 -1.62
N GLY B 141 -7.82 -15.86 -2.81
CA GLY B 141 -6.93 -15.68 -3.94
C GLY B 141 -7.35 -16.46 -5.15
N ILE B 142 -6.44 -16.51 -6.16
CA ILE B 142 -6.60 -17.13 -7.46
C ILE B 142 -5.82 -18.48 -7.50
N ASP B 143 -6.39 -19.48 -8.24
CA ASP B 143 -5.88 -20.83 -8.39
C ASP B 143 -4.40 -20.85 -8.80
N GLU B 144 -3.58 -21.71 -8.15
CA GLU B 144 -2.15 -21.78 -8.44
C GLU B 144 -1.84 -22.06 -9.93
N ARG B 145 -2.62 -22.96 -10.57
CA ARG B 145 -2.48 -23.35 -11.98
C ARG B 145 -2.76 -22.17 -12.92
N PHE B 146 -3.72 -21.31 -12.54
CA PHE B 146 -4.03 -20.08 -13.28
C PHE B 146 -2.80 -19.17 -13.24
N ILE B 147 -2.14 -19.02 -12.07
CA ILE B 147 -0.92 -18.20 -11.90
C ILE B 147 0.17 -18.77 -12.78
N GLU B 148 0.48 -20.08 -12.57
CA GLU B 148 1.46 -20.91 -13.28
C GLU B 148 1.29 -20.72 -14.80
N GLU B 149 0.05 -20.73 -15.28
CA GLU B 149 -0.27 -20.57 -16.70
C GLU B 149 -0.20 -19.14 -17.25
N HIS B 150 -0.83 -18.15 -16.59
CA HIS B 150 -1.00 -16.80 -17.15
C HIS B 150 -0.15 -15.66 -16.60
N VAL B 151 0.12 -15.67 -15.29
CA VAL B 151 0.84 -14.60 -14.60
C VAL B 151 2.33 -14.60 -14.92
N ASP B 152 2.89 -13.42 -15.20
CA ASP B 152 4.31 -13.21 -15.48
C ASP B 152 5.13 -12.85 -14.21
N GLU B 153 4.54 -12.07 -13.25
CA GLU B 153 5.17 -11.60 -12.01
C GLU B 153 4.13 -11.44 -10.91
N GLU B 154 4.55 -11.64 -9.67
CA GLU B 154 3.69 -11.46 -8.49
C GLU B 154 4.33 -10.39 -7.60
N TRP B 155 3.54 -9.34 -7.23
CA TRP B 155 3.99 -8.25 -6.37
C TRP B 155 3.11 -8.00 -5.19
N SER B 156 3.76 -7.66 -4.08
CA SER B 156 3.16 -7.31 -2.81
C SER B 156 3.48 -5.85 -2.59
N ILE B 157 2.58 -5.13 -1.92
CA ILE B 157 2.84 -3.73 -1.59
C ILE B 157 3.41 -3.60 -0.14
N GLY B 158 3.45 -4.70 0.61
CA GLY B 158 3.98 -4.74 1.98
C GLY B 158 3.51 -5.91 2.80
N ASP B 159 4.17 -6.20 3.94
CA ASP B 159 3.89 -7.35 4.81
C ASP B 159 2.62 -7.21 5.69
N TYR B 160 1.47 -6.96 5.07
CA TYR B 160 0.16 -6.84 5.73
C TYR B 160 -0.89 -7.44 4.75
N VAL B 161 -1.98 -7.97 5.27
CA VAL B 161 -2.98 -8.57 4.43
C VAL B 161 -4.20 -7.65 4.32
N LEU B 162 -4.55 -7.37 3.08
CA LEU B 162 -5.69 -6.56 2.74
C LEU B 162 -6.81 -7.51 2.26
N SER B 163 -8.04 -7.00 2.11
CA SER B 163 -9.20 -7.81 1.64
C SER B 163 -9.15 -8.08 0.13
N GLY B 164 -8.40 -7.28 -0.62
CA GLY B 164 -8.28 -7.45 -2.06
C GLY B 164 -7.14 -6.66 -2.65
N GLY B 165 -6.86 -6.93 -3.92
CA GLY B 165 -5.78 -6.33 -4.69
C GLY B 165 -6.08 -5.05 -5.45
N GLU B 166 -7.25 -4.39 -5.22
CA GLU B 166 -7.62 -3.13 -5.89
C GLU B 166 -6.78 -1.96 -5.40
N LEU B 167 -6.67 -1.78 -4.07
CA LEU B 167 -5.82 -0.73 -3.48
C LEU B 167 -4.35 -1.02 -3.85
N PRO B 168 -3.81 -2.27 -3.72
CA PRO B 168 -2.44 -2.51 -4.22
C PRO B 168 -2.26 -2.21 -5.71
N ALA B 169 -3.26 -2.59 -6.54
CA ALA B 169 -3.19 -2.28 -7.97
C ALA B 169 -3.10 -0.79 -8.19
N MET B 170 -3.94 0.01 -7.48
CA MET B 170 -3.94 1.48 -7.59
C MET B 170 -2.63 2.10 -7.10
N VAL B 171 -2.02 1.52 -6.05
CA VAL B 171 -0.74 1.95 -5.51
C VAL B 171 0.37 1.71 -6.55
N LEU B 172 0.37 0.54 -7.22
CA LEU B 172 1.34 0.21 -8.27
C LEU B 172 1.23 1.22 -9.41
N VAL B 173 -0.01 1.50 -9.90
CA VAL B 173 -0.24 2.41 -11.01
C VAL B 173 0.25 3.81 -10.64
N ASP B 174 -0.14 4.32 -9.47
CA ASP B 174 0.34 5.62 -8.99
C ASP B 174 1.89 5.72 -8.95
N ALA B 175 2.57 4.80 -8.25
CA ALA B 175 4.04 4.75 -8.16
C ALA B 175 4.74 4.80 -9.54
N VAL B 176 4.28 3.96 -10.51
CA VAL B 176 4.84 3.85 -11.85
C VAL B 176 4.56 5.10 -12.70
N THR B 177 3.33 5.63 -12.61
CA THR B 177 2.88 6.81 -13.32
C THR B 177 3.79 8.04 -13.12
N ARG B 178 4.27 8.29 -11.89
CA ARG B 178 5.14 9.45 -11.60
C ARG B 178 6.39 9.41 -12.47
N LEU B 179 6.82 8.20 -12.81
CA LEU B 179 8.01 7.96 -13.60
C LEU B 179 7.78 8.17 -15.09
N LEU B 180 6.52 8.04 -15.57
CA LEU B 180 6.21 8.27 -16.97
C LEU B 180 6.61 9.71 -17.33
N PRO B 181 7.53 9.88 -18.32
CA PRO B 181 7.99 11.24 -18.66
C PRO B 181 6.88 12.15 -19.15
N GLY B 182 6.71 13.27 -18.45
CA GLY B 182 5.70 14.27 -18.77
C GLY B 182 4.58 14.38 -17.76
N ALA B 183 4.38 13.35 -16.93
CA ALA B 183 3.33 13.30 -15.90
C ALA B 183 3.55 14.37 -14.83
N LEU B 184 4.80 14.45 -14.30
CA LEU B 184 5.20 15.43 -13.30
C LEU B 184 5.41 16.81 -13.94
N ASP B 197 18.63 6.97 -4.61
CA ASP B 197 18.72 7.99 -3.56
C ASP B 197 18.91 7.33 -2.20
N GLY B 198 17.88 6.64 -1.71
CA GLY B 198 17.89 5.94 -0.43
C GLY B 198 18.07 6.82 0.79
N LEU B 199 17.51 8.06 0.74
CA LEU B 199 17.55 9.08 1.80
C LEU B 199 16.17 9.67 2.05
N LEU B 200 15.68 9.61 3.33
CA LEU B 200 14.40 10.19 3.74
C LEU B 200 14.50 11.69 3.55
N ASP B 201 13.40 12.42 3.70
CA ASP B 201 13.48 13.86 3.48
C ASP B 201 13.81 14.67 4.77
N CYS B 202 14.12 15.97 4.62
CA CYS B 202 14.38 16.91 5.71
C CYS B 202 13.03 17.36 6.29
N PRO B 203 12.94 18.00 7.51
CA PRO B 203 11.63 18.52 7.95
C PRO B 203 11.31 19.82 7.21
N HIS B 204 10.00 20.11 7.06
CA HIS B 204 9.52 21.26 6.32
C HIS B 204 8.83 22.24 7.21
N TYR B 205 9.04 23.52 6.92
CA TYR B 205 8.46 24.60 7.68
C TYR B 205 7.83 25.66 6.79
N THR B 206 6.64 26.13 7.19
CA THR B 206 5.89 27.16 6.49
C THR B 206 5.34 28.20 7.47
N ARG B 207 4.62 29.21 6.95
CA ARG B 207 4.05 30.28 7.78
C ARG B 207 3.13 29.75 8.89
N PRO B 208 3.18 30.32 10.12
CA PRO B 208 3.98 31.47 10.60
C PRO B 208 5.39 31.13 11.09
N GLU B 209 6.23 32.17 11.32
CA GLU B 209 7.60 32.07 11.86
C GLU B 209 7.59 31.42 13.27
N VAL B 210 6.56 31.70 14.07
CA VAL B 210 6.36 31.13 15.41
C VAL B 210 4.91 30.71 15.49
N TYR B 211 4.67 29.47 15.98
CA TYR B 211 3.31 28.94 16.18
C TYR B 211 3.31 28.16 17.48
N ALA B 212 2.31 28.37 18.36
CA ALA B 212 2.16 27.67 19.65
C ALA B 212 3.49 27.39 20.38
N ASP B 213 4.27 28.49 20.61
CA ASP B 213 5.57 28.52 21.30
C ASP B 213 6.69 27.77 20.53
N LYS B 214 6.44 27.37 19.27
CA LYS B 214 7.40 26.64 18.42
C LYS B 214 7.84 27.52 17.25
N ARG B 215 9.15 27.73 17.13
CA ARG B 215 9.75 28.59 16.14
C ARG B 215 10.50 27.83 15.07
N VAL B 216 10.47 28.37 13.84
CA VAL B 216 11.16 27.84 12.68
C VAL B 216 12.69 27.90 12.90
N PRO B 217 13.43 26.78 12.65
CA PRO B 217 14.90 26.82 12.79
C PRO B 217 15.49 28.05 12.09
N GLU B 218 16.31 28.81 12.83
CA GLU B 218 16.93 30.05 12.36
C GLU B 218 17.60 29.92 11.01
N VAL B 219 18.37 28.84 10.77
CA VAL B 219 19.06 28.58 9.50
C VAL B 219 18.16 28.82 8.28
N LEU B 220 16.83 28.58 8.42
CA LEU B 220 15.86 28.77 7.35
C LEU B 220 15.42 30.22 7.22
N LEU B 221 15.20 30.89 8.35
CA LEU B 221 14.79 32.30 8.42
C LEU B 221 15.91 33.26 8.04
N SER B 222 17.15 32.96 8.45
CA SER B 222 18.32 33.77 8.14
C SER B 222 19.51 32.83 7.96
N GLY B 223 19.87 32.60 6.70
CA GLY B 223 20.98 31.72 6.35
C GLY B 223 21.22 31.60 4.86
N ASN B 224 22.47 31.20 4.49
CA ASN B 224 22.92 31.02 3.11
C ASN B 224 22.15 29.94 2.38
N HIS B 225 21.98 30.12 1.07
CA HIS B 225 21.28 29.18 0.18
C HIS B 225 22.06 27.86 -0.02
N GLU B 226 23.31 27.81 0.48
CA GLU B 226 24.16 26.62 0.46
C GLU B 226 24.19 26.02 1.88
N HIS B 227 23.95 26.86 2.91
CA HIS B 227 23.89 26.43 4.31
C HIS B 227 22.50 25.90 4.70
N ILE B 228 21.45 26.31 3.94
CA ILE B 228 20.10 25.75 4.01
C ILE B 228 20.22 24.37 3.32
N ARG B 229 20.88 24.31 2.13
CA ARG B 229 21.18 23.07 1.39
C ARG B 229 21.95 22.09 2.30
N ARG B 230 22.89 22.61 3.12
CA ARG B 230 23.73 21.88 4.06
C ARG B 230 22.87 21.26 5.17
N TRP B 231 22.09 22.12 5.86
CA TRP B 231 21.21 21.75 6.97
C TRP B 231 20.18 20.71 6.54
N ARG B 232 19.48 20.97 5.41
CA ARG B 232 18.47 20.05 4.87
C ARG B 232 19.07 18.66 4.61
N LEU B 233 20.25 18.61 3.96
CA LEU B 233 20.97 17.38 3.64
C LEU B 233 21.38 16.63 4.92
N GLN B 234 21.85 17.38 5.93
CA GLN B 234 22.23 16.87 7.24
C GLN B 234 20.99 16.28 7.99
N GLN B 235 19.83 16.95 7.87
CA GLN B 235 18.58 16.50 8.50
C GLN B 235 18.09 15.24 7.82
N ALA B 236 18.20 15.21 6.47
CA ALA B 236 17.82 14.09 5.62
C ALA B 236 18.55 12.86 6.07
N LEU B 237 19.90 12.97 6.16
CA LEU B 237 20.81 11.91 6.58
C LEU B 237 20.52 11.44 8.00
N GLY B 238 20.35 12.40 8.90
CA GLY B 238 20.08 12.15 10.30
C GLY B 238 18.78 11.41 10.56
N ARG B 239 17.68 11.90 9.94
CA ARG B 239 16.35 11.28 10.02
C ARG B 239 16.37 9.87 9.43
N THR B 240 17.09 9.64 8.29
CA THR B 240 17.27 8.32 7.71
C THR B 240 18.00 7.43 8.73
N TRP B 241 19.16 7.86 9.25
CA TRP B 241 19.92 7.13 10.24
C TRP B 241 19.07 6.75 11.46
N GLU B 242 18.29 7.70 11.96
CA GLU B 242 17.45 7.55 13.14
C GLU B 242 16.35 6.54 12.98
N ARG B 243 15.62 6.61 11.84
CA ARG B 243 14.40 5.87 11.54
C ARG B 243 14.55 4.67 10.63
N ARG B 244 15.33 4.81 9.57
CA ARG B 244 15.53 3.80 8.53
C ARG B 244 17.02 3.58 8.27
N ALA B 245 17.72 3.05 9.29
CA ALA B 245 19.16 2.78 9.24
C ALA B 245 19.50 1.75 8.15
N ASP B 246 18.55 0.83 7.87
CA ASP B 246 18.62 -0.20 6.81
C ASP B 246 18.84 0.43 5.43
N LEU B 247 18.18 1.58 5.13
CA LEU B 247 18.32 2.31 3.88
C LEU B 247 19.72 2.86 3.72
N LEU B 248 20.46 3.01 4.82
CA LEU B 248 21.84 3.49 4.82
C LEU B 248 22.87 2.35 4.65
N ASP B 249 22.50 1.10 5.02
CA ASP B 249 23.33 -0.11 4.82
C ASP B 249 23.42 -0.32 3.31
N SER B 250 22.26 -0.17 2.63
CA SER B 250 22.07 -0.26 1.18
C SER B 250 22.89 0.84 0.47
N ARG B 251 22.76 2.09 0.95
CA ARG B 251 23.47 3.27 0.45
C ARG B 251 24.98 3.21 0.76
N SER B 252 25.79 3.99 0.00
CA SER B 252 27.24 4.10 0.17
C SER B 252 27.59 5.57 0.45
N LEU B 253 27.68 5.91 1.76
CA LEU B 253 27.92 7.27 2.27
C LEU B 253 29.23 7.88 1.79
N SER B 254 29.18 9.11 1.27
CA SER B 254 30.35 9.85 0.81
C SER B 254 31.04 10.55 1.98
N GLY B 255 32.21 11.14 1.71
CA GLY B 255 32.99 11.86 2.71
C GLY B 255 32.22 13.02 3.30
N GLU B 256 31.66 13.85 2.40
CA GLU B 256 30.83 15.03 2.67
C GLU B 256 29.63 14.68 3.56
N GLU B 257 28.89 13.60 3.22
CA GLU B 257 27.66 13.20 3.93
C GLU B 257 27.92 12.39 5.22
N GLN B 258 29.11 11.79 5.38
CA GLN B 258 29.46 11.12 6.65
C GLN B 258 29.80 12.16 7.72
N LYS B 259 30.39 13.28 7.30
CA LYS B 259 30.74 14.35 8.21
C LYS B 259 29.48 15.03 8.71
N LEU B 260 28.52 15.32 7.79
CA LEU B 260 27.21 15.91 8.13
C LEU B 260 26.38 14.97 9.02
N LEU B 261 26.51 13.65 8.82
CA LEU B 261 25.82 12.67 9.65
C LEU B 261 26.49 12.58 11.03
N ALA B 262 27.84 12.60 11.08
CA ALA B 262 28.59 12.57 12.34
C ALA B 262 28.23 13.81 13.16
N GLU B 263 28.17 14.98 12.50
CA GLU B 263 27.75 16.27 13.03
C GLU B 263 26.33 16.14 13.62
N TYR B 264 25.42 15.42 12.90
CA TYR B 264 24.03 15.26 13.32
C TYR B 264 23.96 14.42 14.57
N ILE B 265 24.60 13.23 14.55
CA ILE B 265 24.58 12.28 15.67
C ILE B 265 25.15 12.93 16.92
N ARG B 266 26.33 13.62 16.82
CA ARG B 266 27.01 14.27 17.95
C ARG B 266 26.31 15.55 18.46
N GLN B 267 25.64 16.31 17.56
CA GLN B 267 24.91 17.54 17.91
C GLN B 267 23.44 17.26 18.35
N ARG B 268 23.15 16.03 18.82
CA ARG B 268 21.81 15.58 19.20
C ARG B 268 21.70 15.08 20.63
N ASP B 269 20.59 15.38 21.33
CA ASP B 269 20.40 14.91 22.71
C ASP B 269 19.97 13.46 22.74
CAA 9D3 C . 9.75 16.28 -2.58
CAK 9D3 C . 9.73 15.07 -1.62
NAZ 9D3 C . 8.58 15.02 -0.67
CAL 9D3 C . 8.71 16.01 0.44
CAB 9D3 C . 7.75 17.21 0.30
CAN 9D3 C . 8.54 13.66 -0.07
CAU 9D3 C . 7.28 13.06 -0.22
CAH 9D3 C . 7.09 12.12 -1.24
CAF 9D3 C . 5.85 11.51 -1.45
CAG 9D3 C . 6.22 13.38 0.64
CAE 9D3 C . 4.97 12.76 0.44
CAT 9D3 C . 4.78 11.85 -0.61
CAM 9D3 C . 3.56 11.27 -0.81
NAP 9D3 C . 3.55 10.02 -0.05
CAS 9D3 C . 2.68 9.74 0.91
OAC 9D3 C . 1.81 10.57 1.24
CAV 9D3 C . 2.75 8.54 1.56
CAY 9D3 C . 3.47 7.40 1.21
CAW 9D3 C . 4.31 7.07 0.18
OAD 9D3 C . 4.58 7.84 -0.75
NAQ 9D3 C . 4.93 5.78 0.09
CAI 9D3 C . 4.65 4.84 0.97
NAO 9D3 C . 3.77 5.16 2.00
CAX 9D3 C . 3.23 6.39 2.12
SAR 9D3 C . 2.13 6.89 3.29
CAJ 9D3 C . 1.95 8.41 2.64
N SAM D . -2.57 -14.44 1.96
CA SAM D . -3.75 -15.02 1.28
C SAM D . -3.42 -15.50 -0.24
O SAM D . -3.49 -16.73 -0.43
OXT SAM D . -3.10 -14.64 -1.10
CB SAM D . -4.98 -14.03 1.34
CG SAM D . -4.77 -12.74 0.50
SD SAM D . -6.01 -11.46 0.61
CE SAM D . -7.26 -12.03 1.73
C5' SAM D . -6.83 -11.53 -1.02
C4' SAM D . -6.24 -10.70 -2.21
O4' SAM D . -5.86 -9.36 -1.82
C3' SAM D . -4.99 -11.30 -2.83
O3' SAM D . -5.35 -12.36 -3.72
C2' SAM D . -4.29 -10.07 -3.46
O2' SAM D . -4.82 -9.74 -4.75
C1' SAM D . -4.68 -8.96 -2.48
N9 SAM D . -3.68 -8.53 -1.48
C8 SAM D . -3.85 -8.61 -0.13
N7 SAM D . -2.85 -8.10 0.57
C5 SAM D . -1.97 -7.66 -0.40
C6 SAM D . -0.71 -7.03 -0.32
N6 SAM D . -0.02 -6.92 0.81
N1 SAM D . -0.12 -6.67 -1.48
C2 SAM D . -0.72 -6.98 -2.64
N3 SAM D . -1.88 -7.60 -2.84
C4 SAM D . -2.47 -7.91 -1.67
#